data_8ETB
#
_entry.id   8ETB
#
_cell.length_a   43.834
_cell.length_b   68.501
_cell.length_c   57.923
_cell.angle_alpha   90.000
_cell.angle_beta   100.790
_cell.angle_gamma   90.000
#
_symmetry.space_group_name_H-M   'P 1 21 1'
#
loop_
_entity.id
_entity.type
_entity.pdbx_description
1 polymer 'Zinc Sensor protein'
2 non-polymer 'ZINC ION'
3 non-polymer 'ACETATE ION'
4 water water
#
_entity_poly.entity_id   1
_entity_poly.type   'polypeptide(L)'
_entity_poly.pdbx_seq_one_letter_code
;KIEEGKLVIWINGDHGYNGLAEVGKKFEKDTGIKVTVEHPDKLEEKFPQVAATGDGPDIIFWAHDRFGGYAQSGLLAEIT
PDKAFQDKLYPFTWDAVRYNGKLIAYPIAVHALSLIYNKDLLPNPPKTWEEIPALDKELKAKGKSALMFNLQEPYFTWPL
IAADGGYAFKYENGKYDIKDVGVDNAGAKAGLTFLVDLIKNKHMNADTDYSIAEAAFNKGETAMTINGPHAWSNIDTSKV
NYGVTVLPTFKGQPSKPFVGVLSAGINAASPNKELAKEFLENYLLTDEGLEAVNKDKPLGAVALKSYEEELAKDPRIAAT
MENAQKGEIMPNIPQMSAFWYAVRTAVINAASGRQTVDEALKDAQT
;
_entity_poly.pdbx_strand_id   A
#
loop_
_chem_comp.id
_chem_comp.type
_chem_comp.name
_chem_comp.formula
ACT non-polymer 'ACETATE ION' 'C2 H3 O2 -1'
ZN non-polymer 'ZINC ION' 'Zn 2'
#
# COMPACT_ATOMS: atom_id res chain seq x y z
N LYS A 1 14.17 24.73 17.94
CA LYS A 1 14.27 23.39 18.50
C LYS A 1 12.92 22.88 18.98
N ILE A 2 12.81 21.58 19.18
CA ILE A 2 11.56 20.95 19.59
C ILE A 2 11.40 21.10 21.09
N GLU A 3 10.20 21.49 21.53
CA GLU A 3 9.95 21.72 22.94
C GLU A 3 9.94 20.40 23.71
N GLU A 4 10.62 20.38 24.84
CA GLU A 4 10.64 19.20 25.71
C GLU A 4 9.40 19.20 26.60
N GLY A 5 8.94 18.00 26.94
CA GLY A 5 7.83 17.84 27.86
C GLY A 5 6.46 17.76 27.23
N LYS A 6 6.37 17.57 25.92
CA LYS A 6 5.10 17.40 25.23
C LYS A 6 5.35 16.59 23.96
N LEU A 7 4.25 16.15 23.34
CA LEU A 7 4.31 15.44 22.07
C LEU A 7 3.52 16.21 21.03
N VAL A 8 4.17 16.54 19.92
CA VAL A 8 3.52 17.09 18.74
C VAL A 8 3.55 16.02 17.65
N ILE A 9 2.40 15.71 17.08
CA ILE A 9 2.27 14.63 16.10
C ILE A 9 1.69 15.19 14.81
N TRP A 10 2.28 14.77 13.68
CA TRP A 10 1.80 15.12 12.36
C TRP A 10 1.21 13.89 11.69
N ILE A 11 -0.01 14.01 11.18
CA ILE A 11 -0.67 12.93 10.45
C ILE A 11 -1.60 13.55 9.44
N ASN A 12 -1.70 12.91 8.27
CA ASN A 12 -2.49 13.44 7.17
C ASN A 12 -3.98 13.43 7.52
N GLY A 13 -4.69 14.45 7.03
CA GLY A 13 -6.11 14.60 7.34
C GLY A 13 -6.98 13.47 6.83
N ASP A 14 -6.51 12.71 5.84
CA ASP A 14 -7.26 11.56 5.35
C ASP A 14 -7.22 10.38 6.31
N HIS A 15 -6.46 10.47 7.39
CA HIS A 15 -6.47 9.48 8.45
C HIS A 15 -7.21 10.01 9.66
N GLY A 16 -7.50 9.12 10.60
CA GLY A 16 -8.28 9.49 11.77
C GLY A 16 -7.52 10.31 12.78
N TYR A 17 -7.24 11.58 12.45
CA TYR A 17 -6.49 12.43 13.37
C TYR A 17 -7.30 12.78 14.61
N ASN A 18 -8.64 12.82 14.50
CA ASN A 18 -9.46 13.02 15.69
C ASN A 18 -9.42 11.78 16.59
N GLY A 19 -9.47 10.59 15.98
CA GLY A 19 -9.29 9.38 16.77
C GLY A 19 -7.92 9.30 17.39
N LEU A 20 -6.90 9.78 16.68
CA LEU A 20 -5.52 9.77 17.23
C LEU A 20 -5.43 10.73 18.42
N ALA A 21 -6.14 11.84 18.34
CA ALA A 21 -6.18 12.82 19.45
C ALA A 21 -6.87 12.27 20.69
N GLU A 22 -7.81 11.33 20.53
CA GLU A 22 -8.46 10.71 21.70
C GLU A 22 -7.47 9.79 22.36
N VAL A 23 -6.63 9.11 21.57
CA VAL A 23 -5.56 8.27 22.17
C VAL A 23 -4.63 9.19 22.96
N GLY A 24 -4.37 10.37 22.41
CA GLY A 24 -3.52 11.35 23.11
C GLY A 24 -4.13 11.78 24.43
N LYS A 25 -5.46 11.78 24.48
CA LYS A 25 -6.17 12.18 25.71
C LYS A 25 -5.94 11.11 26.77
N LYS A 26 -6.16 9.85 26.45
CA LYS A 26 -5.87 8.82 27.46
C LYS A 26 -4.40 8.95 27.92
N PHE A 27 -3.49 9.25 26.99
CA PHE A 27 -2.07 9.46 27.37
C PHE A 27 -2.00 10.69 28.28
N GLU A 28 -2.60 11.78 27.85
CA GLU A 28 -2.55 13.06 28.60
C GLU A 28 -3.33 12.96 29.91
N LYS A 29 -4.07 11.86 30.14
CA LYS A 29 -4.88 11.76 31.34
C LYS A 29 -4.36 10.77 32.37
N ASP A 30 -3.30 10.03 32.07
CA ASP A 30 -2.65 9.19 33.08
C ASP A 30 -1.13 9.32 33.03
N THR A 31 -0.63 10.43 32.46
CA THR A 31 0.84 10.71 32.43
C THR A 31 1.09 12.15 32.85
N GLY A 32 0.23 13.06 32.39
CA GLY A 32 0.39 14.49 32.67
C GLY A 32 0.90 15.18 31.44
N ILE A 33 1.41 14.41 30.49
CA ILE A 33 2.06 15.00 29.29
C ILE A 33 1.01 15.32 28.23
N LYS A 34 1.07 16.53 27.67
CA LYS A 34 0.12 16.96 26.63
C LYS A 34 0.51 16.45 25.24
N VAL A 35 -0.50 16.10 24.44
CA VAL A 35 -0.31 15.63 23.07
C VAL A 35 -1.15 16.51 22.16
N THR A 36 -0.52 17.12 21.16
CA THR A 36 -1.22 17.94 20.18
C THR A 36 -1.06 17.30 18.81
N VAL A 37 -2.18 16.95 18.18
CA VAL A 37 -2.19 16.33 16.87
C VAL A 37 -2.48 17.41 15.84
N GLU A 38 -1.59 17.56 14.86
CA GLU A 38 -1.76 18.52 13.78
C GLU A 38 -1.75 17.79 12.44
N HIS A 39 -2.45 18.37 11.47
CA HIS A 39 -2.53 17.81 10.11
C HIS A 39 -2.21 18.90 9.10
N PRO A 40 -0.96 19.35 9.03
CA PRO A 40 -0.62 20.43 8.09
C PRO A 40 -0.60 19.94 6.66
N ASP A 41 -0.88 20.86 5.73
CA ASP A 41 -0.89 20.52 4.32
C ASP A 41 0.51 20.22 3.82
N LYS A 42 0.62 19.18 2.99
CA LYS A 42 1.91 18.74 2.43
C LYS A 42 2.92 18.46 3.54
N LEU A 43 2.47 17.75 4.58
CA LEU A 43 3.33 17.48 5.72
C LEU A 43 4.53 16.62 5.32
N GLU A 44 4.38 15.78 4.30
CA GLU A 44 5.48 14.91 3.88
C GLU A 44 6.60 15.69 3.20
N GLU A 45 6.31 16.89 2.68
CA GLU A 45 7.36 17.75 2.15
C GLU A 45 7.87 18.74 3.19
N LYS A 46 7.02 19.15 4.13
CA LYS A 46 7.46 20.07 5.17
C LYS A 46 8.35 19.37 6.20
N PHE A 47 8.12 18.08 6.47
CA PHE A 47 8.90 17.41 7.51
C PHE A 47 10.39 17.37 7.22
N PRO A 48 10.86 16.92 6.05
CA PRO A 48 12.31 16.92 5.82
C PRO A 48 12.93 18.30 5.92
N GLN A 49 12.19 19.36 5.57
CA GLN A 49 12.72 20.71 5.69
C GLN A 49 12.93 21.09 7.16
N VAL A 50 11.90 20.95 7.98
CA VAL A 50 11.98 21.41 9.36
C VAL A 50 12.85 20.47 10.20
N ALA A 51 12.78 19.16 9.93
CA ALA A 51 13.61 18.22 10.69
C ALA A 51 15.09 18.38 10.39
N ALA A 52 15.43 18.99 9.25
CA ALA A 52 16.83 19.23 8.91
C ALA A 52 17.44 20.35 9.76
N THR A 53 16.61 21.23 10.32
CA THR A 53 17.09 22.30 11.20
C THR A 53 16.89 21.96 12.67
N GLY A 54 16.54 20.72 12.97
CA GLY A 54 16.27 20.34 14.34
C GLY A 54 14.89 20.68 14.85
N ASP A 55 13.94 20.91 13.94
CA ASP A 55 12.58 21.28 14.34
C ASP A 55 11.58 20.26 13.84
N GLY A 56 10.30 20.63 13.83
CA GLY A 56 9.26 19.75 13.34
C GLY A 56 8.55 19.01 14.45
N PRO A 57 7.76 18.01 14.09
CA PRO A 57 6.99 17.25 15.09
C PRO A 57 7.85 16.20 15.78
N ASP A 58 7.36 15.73 16.93
CA ASP A 58 7.99 14.61 17.61
C ASP A 58 7.76 13.31 16.86
N ILE A 59 6.56 13.13 16.31
CA ILE A 59 6.17 11.92 15.59
C ILE A 59 5.56 12.33 14.25
N ILE A 60 5.89 11.59 13.19
CA ILE A 60 5.29 11.81 11.88
C ILE A 60 4.68 10.50 11.39
N PHE A 61 3.44 10.58 10.89
CA PHE A 61 2.76 9.45 10.27
C PHE A 61 2.78 9.63 8.75
N TRP A 62 3.31 8.64 8.04
CA TRP A 62 3.26 8.66 6.58
C TRP A 62 3.53 7.27 6.04
N ALA A 63 3.30 7.11 4.74
CA ALA A 63 3.62 5.87 4.05
C ALA A 63 5.11 5.56 4.19
N HIS A 64 5.43 4.27 4.38
CA HIS A 64 6.80 3.87 4.67
C HIS A 64 7.76 4.15 3.52
N ASP A 65 7.26 4.26 2.29
CA ASP A 65 8.16 4.42 1.15
C ASP A 65 8.88 5.77 1.16
N ARG A 66 8.36 6.77 1.88
CA ARG A 66 9.07 8.03 2.05
C ARG A 66 10.04 8.01 3.23
N PHE A 67 9.89 7.03 4.14
CA PHE A 67 10.73 6.98 5.33
C PHE A 67 12.15 6.53 5.02
N GLY A 68 12.37 5.87 3.88
CA GLY A 68 13.72 5.52 3.48
C GLY A 68 14.55 6.76 3.18
N GLY A 69 13.96 7.73 2.49
CA GLY A 69 14.65 8.99 2.27
C GLY A 69 14.87 9.77 3.55
N TYR A 70 13.89 9.78 4.44
CA TYR A 70 14.09 10.42 5.74
C TYR A 70 15.23 9.77 6.50
N ALA A 71 15.28 8.44 6.50
CA ALA A 71 16.33 7.73 7.22
C ALA A 71 17.70 7.96 6.59
N GLN A 72 17.74 8.07 5.26
CA GLN A 72 18.99 8.39 4.59
C GLN A 72 19.59 9.70 5.09
N SER A 73 18.74 10.66 5.45
CA SER A 73 19.19 11.96 5.93
C SER A 73 19.34 12.02 7.44
N GLY A 74 19.11 10.90 8.14
CA GLY A 74 19.25 10.89 9.59
C GLY A 74 18.16 11.64 10.33
N LEU A 75 16.97 11.74 9.74
CA LEU A 75 15.86 12.47 10.33
C LEU A 75 15.05 11.63 11.33
N LEU A 76 15.25 10.32 11.36
CA LEU A 76 14.42 9.42 12.16
C LEU A 76 15.26 8.73 13.20
N ALA A 77 14.74 8.65 14.42
CA ALA A 77 15.43 7.94 15.48
C ALA A 77 15.31 6.43 15.26
N GLU A 78 16.37 5.71 15.62
CA GLU A 78 16.26 4.26 15.69
C GLU A 78 15.35 3.89 16.86
N ILE A 79 14.29 3.15 16.56
CA ILE A 79 13.35 2.76 17.62
C ILE A 79 13.87 1.52 18.34
N THR A 80 13.39 1.31 19.56
CA THR A 80 13.89 0.24 20.43
C THR A 80 12.76 -0.64 20.97
N PRO A 81 11.94 -1.25 20.09
CA PRO A 81 10.98 -2.23 20.60
C PRO A 81 11.69 -3.53 20.94
N ASP A 82 11.36 -4.08 22.10
CA ASP A 82 11.95 -5.37 22.44
C ASP A 82 11.28 -6.49 21.64
N LYS A 83 11.83 -7.70 21.77
CA LYS A 83 11.36 -8.81 20.94
C LYS A 83 9.90 -9.13 21.24
N ALA A 84 9.46 -8.94 22.48
CA ALA A 84 8.07 -9.25 22.82
C ALA A 84 7.10 -8.34 22.09
N PHE A 85 7.41 -7.05 21.98
CA PHE A 85 6.54 -6.15 21.24
C PHE A 85 6.60 -6.44 19.75
N GLN A 86 7.78 -6.80 19.25
CA GLN A 86 7.92 -7.07 17.81
C GLN A 86 7.06 -8.24 17.39
N ASP A 87 6.91 -9.25 18.26
CA ASP A 87 6.08 -10.40 17.96
C ASP A 87 4.58 -10.07 17.95
N LYS A 88 4.19 -8.88 18.40
CA LYS A 88 2.79 -8.48 18.34
C LYS A 88 2.35 -8.02 16.96
N LEU A 89 3.28 -7.71 16.06
N LEU A 89 3.27 -7.74 16.05
CA LEU A 89 2.95 -7.29 14.71
CA LEU A 89 2.95 -7.28 14.71
C LEU A 89 3.36 -8.36 13.70
C LEU A 89 3.41 -8.32 13.69
N TYR A 90 2.76 -8.29 12.52
CA TYR A 90 3.11 -9.23 11.46
C TYR A 90 4.56 -9.00 11.03
N PRO A 91 5.36 -10.07 10.89
CA PRO A 91 6.79 -9.87 10.62
C PRO A 91 7.07 -9.07 9.35
N PHE A 92 6.25 -9.24 8.31
CA PHE A 92 6.54 -8.53 7.06
C PHE A 92 6.35 -7.03 7.21
N THR A 93 5.57 -6.59 8.20
CA THR A 93 5.41 -5.14 8.40
C THR A 93 6.65 -4.51 8.99
N TRP A 94 7.45 -5.27 9.74
CA TRP A 94 8.73 -4.74 10.22
C TRP A 94 9.73 -4.59 9.07
N ASP A 95 9.62 -5.41 8.03
CA ASP A 95 10.48 -5.25 6.87
C ASP A 95 10.28 -3.89 6.22
N ALA A 96 9.07 -3.34 6.31
CA ALA A 96 8.78 -2.06 5.68
C ALA A 96 9.42 -0.88 6.40
N VAL A 97 9.79 -1.03 7.67
CA VAL A 97 10.30 0.07 8.46
C VAL A 97 11.78 -0.13 8.82
N ARG A 98 12.49 -0.97 8.08
N ARG A 98 12.48 -0.99 8.11
CA ARG A 98 13.89 -1.24 8.31
CA ARG A 98 13.90 -1.22 8.33
C ARG A 98 14.73 -0.55 7.23
C ARG A 98 14.71 -0.54 7.25
N TYR A 99 15.73 0.20 7.65
CA TYR A 99 16.61 0.91 6.72
C TYR A 99 18.04 0.79 7.22
N ASN A 100 18.91 0.23 6.37
CA ASN A 100 20.32 -0.01 6.74
C ASN A 100 20.43 -0.90 7.96
N GLY A 101 19.50 -1.84 8.12
CA GLY A 101 19.51 -2.75 9.24
C GLY A 101 18.93 -2.20 10.53
N LYS A 102 18.41 -0.98 10.53
CA LYS A 102 17.83 -0.36 11.72
C LYS A 102 16.34 -0.15 11.54
N LEU A 103 15.58 -0.48 12.58
CA LEU A 103 14.16 -0.13 12.61
C LEU A 103 14.02 1.36 12.84
N ILE A 104 13.26 2.03 11.98
CA ILE A 104 13.19 3.49 12.03
C ILE A 104 11.76 4.01 12.11
N ALA A 105 10.80 3.14 12.39
CA ALA A 105 9.40 3.53 12.47
C ALA A 105 8.57 2.37 12.99
N TYR A 106 7.37 2.69 13.49
CA TYR A 106 6.40 1.68 13.93
C TYR A 106 5.35 1.47 12.84
N PRO A 107 5.13 0.23 12.40
CA PRO A 107 4.06 -0.01 11.41
C PRO A 107 2.68 0.14 12.03
N ILE A 108 1.75 0.72 11.26
CA ILE A 108 0.41 1.00 11.76
C ILE A 108 -0.64 0.29 10.91
N ALA A 109 -0.75 0.65 9.63
CA ALA A 109 -1.78 0.13 8.75
C ALA A 109 -1.17 -0.40 7.46
N VAL A 110 -1.88 -1.36 6.84
CA VAL A 110 -1.37 -2.10 5.69
C VAL A 110 -2.31 -1.89 4.50
N HIS A 111 -1.72 -1.52 3.37
CA HIS A 111 -2.50 -1.28 2.13
CA HIS A 111 -2.48 -1.27 2.13
C HIS A 111 -2.01 -2.18 0.98
N ALA A 112 -2.99 -2.80 0.31
CA ALA A 112 -2.66 -3.61 -0.87
C ALA A 112 -3.87 -3.66 -1.79
N LEU A 113 -3.61 -3.83 -3.08
CA LEU A 113 -4.68 -3.96 -4.06
C LEU A 113 -5.41 -5.28 -3.92
N SER A 114 -6.71 -5.26 -4.22
CA SER A 114 -7.53 -6.45 -4.27
C SER A 114 -8.39 -6.44 -5.53
N LEU A 115 -9.01 -7.58 -5.80
CA LEU A 115 -10.00 -7.72 -6.86
C LEU A 115 -11.38 -7.32 -6.33
N ILE A 116 -11.97 -6.30 -6.94
CA ILE A 116 -13.30 -5.82 -6.58
C ILE A 116 -14.26 -6.27 -7.67
N TYR A 117 -15.37 -6.91 -7.28
CA TYR A 117 -16.27 -7.50 -8.25
C TYR A 117 -17.73 -7.20 -7.91
N ASN A 118 -18.56 -7.16 -8.94
CA ASN A 118 -19.98 -6.90 -8.81
C ASN A 118 -20.69 -8.23 -8.59
N LYS A 119 -21.27 -8.41 -7.39
CA LYS A 119 -21.92 -9.68 -7.07
C LYS A 119 -23.14 -9.94 -7.94
N ASP A 120 -23.82 -8.90 -8.41
CA ASP A 120 -24.99 -9.10 -9.27
C ASP A 120 -24.56 -9.57 -10.67
N LEU A 121 -23.70 -8.79 -11.33
CA LEU A 121 -23.21 -9.18 -12.66
C LEU A 121 -22.32 -10.41 -12.60
N LEU A 122 -21.70 -10.69 -11.47
CA LEU A 122 -20.71 -11.77 -11.37
C LEU A 122 -20.67 -12.25 -9.93
N PRO A 123 -21.36 -13.35 -9.62
CA PRO A 123 -21.47 -13.79 -8.22
C PRO A 123 -20.24 -14.55 -7.74
N ASN A 124 -19.57 -15.24 -8.64
CA ASN A 124 -18.37 -16.01 -8.31
C ASN A 124 -17.22 -15.54 -9.19
N PRO A 125 -16.39 -14.62 -8.72
CA PRO A 125 -15.33 -14.05 -9.57
C PRO A 125 -14.28 -15.09 -9.90
N PRO A 126 -13.54 -14.89 -11.00
CA PRO A 126 -12.57 -15.91 -11.42
C PRO A 126 -11.37 -15.98 -10.49
N LYS A 127 -10.80 -17.18 -10.39
CA LYS A 127 -9.65 -17.41 -9.54
C LYS A 127 -8.31 -17.25 -10.27
N THR A 128 -8.30 -17.34 -11.60
CA THR A 128 -7.07 -17.19 -12.37
C THR A 128 -7.26 -16.12 -13.43
N TRP A 129 -6.14 -15.54 -13.87
CA TRP A 129 -6.18 -14.58 -14.97
C TRP A 129 -6.55 -15.28 -16.28
N GLU A 130 -6.21 -16.57 -16.41
CA GLU A 130 -6.34 -17.24 -17.70
C GLU A 130 -7.79 -17.39 -18.13
N GLU A 131 -8.73 -17.38 -17.18
CA GLU A 131 -10.14 -17.60 -17.50
C GLU A 131 -10.89 -16.31 -17.79
N ILE A 132 -10.21 -15.16 -17.75
CA ILE A 132 -10.87 -13.87 -17.91
C ILE A 132 -11.26 -13.61 -19.37
N PRO A 133 -10.46 -13.98 -20.38
CA PRO A 133 -10.92 -13.79 -21.77
C PRO A 133 -12.27 -14.43 -22.07
N ALA A 134 -12.46 -15.71 -21.73
CA ALA A 134 -13.74 -16.36 -21.99
C ALA A 134 -14.86 -15.71 -21.19
N LEU A 135 -14.58 -15.28 -19.96
CA LEU A 135 -15.62 -14.67 -19.15
C LEU A 135 -16.04 -13.32 -19.74
N ASP A 136 -15.08 -12.60 -20.33
CA ASP A 136 -15.40 -11.37 -21.04
C ASP A 136 -16.33 -11.63 -22.22
N LYS A 137 -16.09 -12.71 -22.96
CA LYS A 137 -16.94 -13.02 -24.11
C LYS A 137 -18.36 -13.34 -23.67
N GLU A 138 -18.51 -14.02 -22.54
CA GLU A 138 -19.85 -14.28 -22.00
C GLU A 138 -20.54 -12.97 -21.61
N LEU A 139 -19.83 -12.08 -20.91
CA LEU A 139 -20.45 -10.83 -20.49
C LEU A 139 -20.69 -9.88 -21.66
N LYS A 140 -19.82 -9.89 -22.68
CA LYS A 140 -20.02 -9.01 -23.83
C LYS A 140 -21.29 -9.38 -24.58
N ALA A 141 -21.66 -10.66 -24.58
CA ALA A 141 -22.92 -11.09 -25.19
C ALA A 141 -24.13 -10.50 -24.47
N LYS A 142 -23.93 -9.91 -23.29
CA LYS A 142 -24.99 -9.25 -22.54
C LYS A 142 -24.81 -7.75 -22.53
N GLY A 143 -23.73 -7.23 -23.12
CA GLY A 143 -23.51 -5.79 -23.12
C GLY A 143 -22.75 -5.27 -21.92
N LYS A 144 -22.08 -6.15 -21.17
CA LYS A 144 -21.18 -5.77 -20.10
C LYS A 144 -19.77 -6.22 -20.44
N SER A 145 -18.80 -5.75 -19.66
CA SER A 145 -17.43 -6.18 -19.78
C SER A 145 -16.97 -6.82 -18.48
N ALA A 146 -15.90 -7.60 -18.55
CA ALA A 146 -15.46 -8.35 -17.39
C ALA A 146 -14.63 -7.50 -16.43
N LEU A 147 -13.69 -6.71 -16.96
CA LEU A 147 -12.67 -6.10 -16.11
C LEU A 147 -12.21 -4.77 -16.68
N MET A 148 -12.12 -3.76 -15.82
CA MET A 148 -11.54 -2.46 -16.16
C MET A 148 -10.78 -1.94 -14.96
N PHE A 149 -9.48 -1.64 -15.15
CA PHE A 149 -8.69 -1.03 -14.09
C PHE A 149 -7.62 -0.14 -14.72
N ASN A 150 -6.98 0.65 -13.87
CA ASN A 150 -6.05 1.68 -14.30
C ASN A 150 -4.84 1.05 -14.96
N LEU A 151 -4.66 1.31 -16.26
CA LEU A 151 -3.51 0.80 -17.00
C LEU A 151 -2.40 1.82 -17.15
N GLN A 152 -2.58 3.04 -16.65
CA GLN A 152 -1.59 4.10 -16.82
C GLN A 152 -0.50 4.07 -15.76
N GLU A 153 -0.78 3.56 -14.57
CA GLU A 153 0.21 3.54 -13.51
C GLU A 153 0.62 2.12 -13.18
N PRO A 154 1.93 1.83 -13.13
CA PRO A 154 2.38 0.45 -12.93
C PRO A 154 2.03 -0.13 -11.58
N TYR A 155 1.64 0.69 -10.60
CA TYR A 155 1.11 0.17 -9.34
C TYR A 155 0.01 -0.84 -9.58
N PHE A 156 -0.82 -0.60 -10.60
CA PHE A 156 -2.00 -1.42 -10.84
C PHE A 156 -1.72 -2.62 -11.74
N THR A 157 -0.73 -2.52 -12.62
CA THR A 157 -0.40 -3.62 -13.54
C THR A 157 0.72 -4.51 -13.02
N TRP A 158 1.54 -4.02 -12.10
CA TRP A 158 2.64 -4.83 -11.59
C TRP A 158 2.21 -6.16 -10.96
N PRO A 159 1.08 -6.28 -10.23
CA PRO A 159 0.76 -7.58 -9.63
C PRO A 159 0.72 -8.72 -10.62
N LEU A 160 0.25 -8.47 -11.84
CA LEU A 160 0.26 -9.50 -12.86
C LEU A 160 1.66 -9.72 -13.42
N ILE A 161 2.41 -8.63 -13.61
CA ILE A 161 3.77 -8.74 -14.13
C ILE A 161 4.66 -9.50 -13.16
N ALA A 162 4.51 -9.25 -11.86
CA ALA A 162 5.40 -9.85 -10.87
C ALA A 162 5.09 -11.32 -10.60
N ALA A 163 3.90 -11.80 -10.98
CA ALA A 163 3.43 -13.11 -10.54
C ALA A 163 4.40 -14.22 -10.94
N ASP A 164 4.84 -14.22 -12.20
CA ASP A 164 5.62 -15.33 -12.73
C ASP A 164 7.14 -15.14 -12.53
N GLY A 165 7.56 -14.10 -11.83
CA GLY A 165 8.97 -13.97 -11.53
C GLY A 165 9.53 -12.56 -11.62
N GLY A 166 8.74 -11.62 -12.11
CA GLY A 166 9.20 -10.24 -12.15
C GLY A 166 9.36 -9.67 -10.75
N TYR A 167 10.37 -8.82 -10.58
CA TYR A 167 10.61 -8.16 -9.30
C TYR A 167 11.31 -6.84 -9.54
N ALA A 168 11.29 -5.99 -8.53
CA ALA A 168 11.96 -4.70 -8.61
C ALA A 168 13.43 -4.86 -8.27
N PHE A 169 13.76 -4.87 -6.98
CA PHE A 169 15.12 -5.10 -6.51
C PHE A 169 15.13 -6.37 -5.67
N LYS A 170 16.14 -7.21 -5.89
CA LYS A 170 16.24 -8.46 -5.14
C LYS A 170 16.41 -8.17 -3.66
N TYR A 171 15.59 -8.82 -2.85
CA TYR A 171 15.53 -8.63 -1.41
C TYR A 171 15.94 -9.91 -0.71
N GLU A 172 17.13 -9.92 -0.11
CA GLU A 172 17.63 -11.07 0.63
C GLU A 172 18.42 -10.59 1.84
N ASN A 173 18.34 -11.36 2.92
CA ASN A 173 19.02 -11.05 4.18
C ASN A 173 18.77 -9.62 4.63
N GLY A 174 17.55 -9.15 4.37
CA GLY A 174 17.13 -7.83 4.82
C GLY A 174 17.68 -6.65 4.05
N LYS A 175 18.29 -6.87 2.88
CA LYS A 175 18.87 -5.78 2.11
C LYS A 175 18.46 -5.91 0.65
N TYR A 176 18.21 -4.76 0.01
CA TYR A 176 17.97 -4.70 -1.42
C TYR A 176 19.30 -4.59 -2.16
N ASP A 177 19.43 -5.37 -3.24
CA ASP A 177 20.62 -5.35 -4.07
C ASP A 177 20.29 -4.49 -5.29
N ILE A 178 20.79 -3.24 -5.29
CA ILE A 178 20.46 -2.31 -6.36
C ILE A 178 21.06 -2.74 -7.69
N LYS A 179 22.05 -3.64 -7.66
CA LYS A 179 22.66 -4.16 -8.87
C LYS A 179 21.86 -5.28 -9.50
N ASP A 180 20.73 -5.67 -8.90
CA ASP A 180 19.93 -6.79 -9.39
C ASP A 180 18.48 -6.34 -9.53
N VAL A 181 18.13 -5.93 -10.74
CA VAL A 181 16.76 -5.52 -11.08
C VAL A 181 16.17 -6.59 -11.98
N GLY A 182 14.89 -6.91 -11.75
CA GLY A 182 14.25 -7.98 -12.49
C GLY A 182 13.02 -7.60 -13.28
N VAL A 183 13.11 -6.54 -14.10
CA VAL A 183 11.95 -6.11 -14.87
C VAL A 183 11.85 -6.79 -16.23
N ASP A 184 12.93 -7.36 -16.74
CA ASP A 184 12.90 -7.98 -18.07
C ASP A 184 13.41 -9.41 -18.01
N ASN A 185 13.12 -10.11 -16.93
CA ASN A 185 13.33 -11.55 -16.90
C ASN A 185 12.14 -12.26 -17.57
N ALA A 186 12.17 -13.60 -17.55
CA ALA A 186 11.15 -14.36 -18.25
C ALA A 186 9.76 -14.15 -17.64
N GLY A 187 9.69 -14.08 -16.30
CA GLY A 187 8.40 -13.95 -15.64
C GLY A 187 7.73 -12.62 -15.92
N ALA A 188 8.51 -11.53 -15.89
CA ALA A 188 7.95 -10.22 -16.19
C ALA A 188 7.46 -10.14 -17.62
N LYS A 189 8.19 -10.76 -18.55
CA LYS A 189 7.76 -10.78 -19.95
C LYS A 189 6.47 -11.56 -20.12
N ALA A 190 6.33 -12.66 -19.37
CA ALA A 190 5.14 -13.50 -19.50
C ALA A 190 3.89 -12.78 -19.01
N GLY A 191 3.98 -12.08 -17.88
CA GLY A 191 2.82 -11.38 -17.35
C GLY A 191 2.42 -10.19 -18.20
N LEU A 192 3.40 -9.40 -18.65
CA LEU A 192 3.10 -8.26 -19.50
C LEU A 192 2.52 -8.70 -20.83
N THR A 193 2.98 -9.83 -21.37
CA THR A 193 2.42 -10.35 -22.61
C THR A 193 0.95 -10.72 -22.44
N PHE A 194 0.61 -11.35 -21.31
CA PHE A 194 -0.80 -11.66 -21.05
C PHE A 194 -1.63 -10.39 -20.98
N LEU A 195 -1.09 -9.35 -20.33
CA LEU A 195 -1.77 -8.06 -20.29
C LEU A 195 -1.98 -7.49 -21.68
N VAL A 196 -0.92 -7.50 -22.51
CA VAL A 196 -1.02 -6.93 -23.84
C VAL A 196 -2.00 -7.70 -24.70
N ASP A 197 -2.02 -9.04 -24.56
CA ASP A 197 -2.97 -9.85 -25.31
C ASP A 197 -4.41 -9.54 -24.91
N LEU A 198 -4.66 -9.18 -23.64
CA LEU A 198 -5.98 -8.74 -23.24
C LEU A 198 -6.40 -7.49 -24.01
N ILE A 199 -5.43 -6.60 -24.28
CA ILE A 199 -5.74 -5.35 -24.98
C ILE A 199 -5.89 -5.61 -26.47
N LYS A 200 -5.07 -6.51 -27.03
CA LYS A 200 -5.16 -6.81 -28.45
C LYS A 200 -6.46 -7.53 -28.79
N ASN A 201 -6.95 -8.38 -27.90
CA ASN A 201 -8.22 -9.07 -28.10
C ASN A 201 -9.41 -8.24 -27.64
N LYS A 202 -9.21 -6.94 -27.40
CA LYS A 202 -10.27 -5.97 -27.09
C LYS A 202 -11.02 -6.29 -25.81
N HIS A 203 -10.39 -7.03 -24.89
CA HIS A 203 -10.97 -7.21 -23.56
C HIS A 203 -10.70 -6.02 -22.64
N MET A 204 -9.67 -5.23 -22.93
CA MET A 204 -9.38 -4.00 -22.20
C MET A 204 -8.91 -2.94 -23.19
N ASN A 205 -8.82 -1.70 -22.70
CA ASN A 205 -8.46 -0.55 -23.51
C ASN A 205 -7.23 0.12 -22.89
N ALA A 206 -6.27 0.48 -23.74
CA ALA A 206 -4.99 1.00 -23.26
C ALA A 206 -5.11 2.39 -22.62
N ASP A 207 -6.17 3.13 -22.92
CA ASP A 207 -6.30 4.50 -22.41
C ASP A 207 -7.02 4.59 -21.08
N THR A 208 -7.46 3.47 -20.51
CA THR A 208 -8.17 3.48 -19.25
C THR A 208 -7.25 3.92 -18.11
N ASP A 209 -7.68 4.93 -17.36
CA ASP A 209 -6.93 5.36 -16.18
C ASP A 209 -7.75 5.12 -14.92
N TYR A 210 -7.37 5.78 -13.83
CA TYR A 210 -8.07 5.58 -12.56
C TYR A 210 -9.52 6.04 -12.66
N SER A 211 -9.75 7.20 -13.27
CA SER A 211 -11.09 7.80 -13.27
C SER A 211 -12.05 7.03 -14.17
N ILE A 212 -11.61 6.66 -15.38
CA ILE A 212 -12.48 5.89 -16.28
C ILE A 212 -12.84 4.54 -15.66
N ALA A 213 -11.87 3.88 -15.02
CA ALA A 213 -12.16 2.58 -14.42
C ALA A 213 -13.13 2.71 -13.24
N GLU A 214 -12.91 3.70 -12.38
CA GLU A 214 -13.80 3.90 -11.23
C GLU A 214 -15.22 4.21 -11.67
N ALA A 215 -15.36 5.13 -12.64
CA ALA A 215 -16.70 5.51 -13.11
C ALA A 215 -17.41 4.34 -13.75
N ALA A 216 -16.68 3.48 -14.48
CA ALA A 216 -17.31 2.38 -15.18
C ALA A 216 -17.82 1.32 -14.20
N PHE A 217 -17.01 0.97 -13.19
CA PHE A 217 -17.46 -0.02 -12.22
C PHE A 217 -18.59 0.52 -11.36
N ASN A 218 -18.49 1.79 -10.95
CA ASN A 218 -19.51 2.37 -10.06
C ASN A 218 -20.86 2.50 -10.75
N LYS A 219 -20.90 2.50 -12.08
CA LYS A 219 -22.14 2.57 -12.82
C LYS A 219 -22.59 1.22 -13.37
N GLY A 220 -21.99 0.12 -12.91
CA GLY A 220 -22.40 -1.19 -13.34
C GLY A 220 -22.06 -1.55 -14.77
N GLU A 221 -21.10 -0.86 -15.39
CA GLU A 221 -20.74 -1.16 -16.77
C GLU A 221 -19.82 -2.37 -16.88
N THR A 222 -18.92 -2.56 -15.92
CA THR A 222 -17.99 -3.68 -15.93
C THR A 222 -18.16 -4.51 -14.67
N ALA A 223 -17.76 -5.78 -14.75
CA ALA A 223 -18.01 -6.70 -13.65
C ALA A 223 -16.94 -6.65 -12.57
N MET A 224 -15.71 -6.28 -12.92
CA MET A 224 -14.64 -6.22 -11.93
C MET A 224 -13.77 -4.99 -12.13
N THR A 225 -13.07 -4.61 -11.06
CA THR A 225 -11.99 -3.65 -11.13
C THR A 225 -10.92 -4.07 -10.14
N ILE A 226 -9.81 -3.35 -10.12
CA ILE A 226 -8.71 -3.58 -9.18
C ILE A 226 -8.42 -2.27 -8.49
N ASN A 227 -8.49 -2.26 -7.15
CA ASN A 227 -8.29 -1.04 -6.39
C ASN A 227 -8.03 -1.39 -4.94
N GLY A 228 -7.71 -0.35 -4.16
CA GLY A 228 -7.35 -0.52 -2.77
C GLY A 228 -8.41 -0.01 -1.80
N PRO A 229 -8.10 -0.06 -0.51
CA PRO A 229 -9.12 0.27 0.51
C PRO A 229 -9.66 1.69 0.40
N HIS A 230 -8.86 2.65 -0.07
CA HIS A 230 -9.33 4.03 -0.15
C HIS A 230 -10.43 4.23 -1.18
N ALA A 231 -10.66 3.26 -2.07
CA ALA A 231 -11.68 3.37 -3.10
C ALA A 231 -13.05 2.90 -2.65
N TRP A 232 -13.14 2.16 -1.54
CA TRP A 232 -14.40 1.57 -1.13
C TRP A 232 -15.45 2.62 -0.84
N SER A 233 -15.04 3.77 -0.29
CA SER A 233 -16.00 4.81 0.08
C SER A 233 -16.83 5.27 -1.10
N ASN A 234 -16.25 5.23 -2.31
CA ASN A 234 -17.01 5.65 -3.50
C ASN A 234 -17.99 4.57 -3.96
N ILE A 235 -17.58 3.30 -3.89
CA ILE A 235 -18.48 2.22 -4.30
C ILE A 235 -19.68 2.14 -3.37
N ASP A 236 -19.51 2.50 -2.10
CA ASP A 236 -20.64 2.47 -1.16
C ASP A 236 -21.75 3.41 -1.59
N THR A 237 -21.38 4.56 -2.19
CA THR A 237 -22.39 5.51 -2.65
C THR A 237 -23.13 5.00 -3.88
N SER A 238 -22.43 4.27 -4.76
CA SER A 238 -23.04 3.77 -5.98
C SER A 238 -24.10 2.71 -5.73
N LYS A 239 -24.18 2.15 -4.52
CA LYS A 239 -25.09 1.06 -4.18
C LYS A 239 -24.89 -0.17 -5.06
N VAL A 240 -23.75 -0.24 -5.77
CA VAL A 240 -23.37 -1.47 -6.44
C VAL A 240 -23.09 -2.53 -5.38
N ASN A 241 -23.72 -3.69 -5.52
CA ASN A 241 -23.52 -4.79 -4.59
C ASN A 241 -22.17 -5.41 -4.93
N TYR A 242 -21.14 -5.05 -4.18
CA TYR A 242 -19.78 -5.43 -4.54
C TYR A 242 -19.13 -6.26 -3.44
N GLY A 243 -18.11 -7.01 -3.86
CA GLY A 243 -17.27 -7.73 -2.94
C GLY A 243 -15.81 -7.50 -3.26
N VAL A 244 -14.96 -7.88 -2.31
CA VAL A 244 -13.51 -7.72 -2.42
C VAL A 244 -12.89 -9.07 -2.11
N THR A 245 -12.00 -9.54 -2.98
N THR A 245 -12.00 -9.54 -2.98
CA THR A 245 -11.45 -10.87 -2.85
CA THR A 245 -11.46 -10.88 -2.85
C THR A 245 -10.01 -10.90 -3.30
C THR A 245 -10.01 -10.90 -3.29
N VAL A 246 -9.40 -12.08 -3.21
CA VAL A 246 -8.01 -12.25 -3.61
C VAL A 246 -7.86 -12.02 -5.10
N LEU A 247 -6.72 -11.47 -5.49
CA LEU A 247 -6.44 -11.24 -6.91
C LEU A 247 -6.34 -12.57 -7.65
N PRO A 248 -6.59 -12.57 -8.95
CA PRO A 248 -6.47 -13.81 -9.73
C PRO A 248 -5.03 -14.27 -9.82
N THR A 249 -4.86 -15.59 -9.93
CA THR A 249 -3.53 -16.14 -10.10
C THR A 249 -3.13 -16.13 -11.58
N PHE A 250 -1.83 -16.20 -11.82
CA PHE A 250 -1.30 -16.27 -13.19
C PHE A 250 -0.27 -17.39 -13.24
N LYS A 251 -0.48 -18.36 -14.13
CA LYS A 251 0.38 -19.53 -14.25
C LYS A 251 0.52 -20.23 -12.90
N GLY A 252 -0.61 -20.36 -12.20
CA GLY A 252 -0.65 -21.00 -10.89
C GLY A 252 -0.06 -20.19 -9.75
N GLN A 253 0.52 -19.03 -10.02
CA GLN A 253 1.17 -18.24 -8.98
C GLN A 253 0.36 -17.01 -8.64
N PRO A 254 0.41 -16.53 -7.40
CA PRO A 254 -0.44 -15.40 -7.00
C PRO A 254 0.01 -14.10 -7.63
N SER A 255 -0.97 -13.24 -7.94
CA SER A 255 -0.65 -11.86 -8.25
C SER A 255 -0.01 -11.22 -7.02
N LYS A 256 1.02 -10.40 -7.24
CA LYS A 256 1.87 -9.91 -6.15
C LYS A 256 1.86 -8.39 -6.13
N PRO A 257 0.89 -7.78 -5.42
CA PRO A 257 0.86 -6.32 -5.34
C PRO A 257 1.91 -5.79 -4.39
N PHE A 258 2.32 -4.55 -4.63
CA PHE A 258 3.22 -3.89 -3.70
C PHE A 258 2.45 -3.39 -2.49
N VAL A 259 3.03 -3.61 -1.31
CA VAL A 259 2.37 -3.34 -0.04
C VAL A 259 2.86 -2.00 0.49
N GLY A 260 1.93 -1.14 0.90
CA GLY A 260 2.25 0.12 1.53
C GLY A 260 1.86 0.07 2.99
N VAL A 261 2.74 0.57 3.86
CA VAL A 261 2.57 0.49 5.31
C VAL A 261 2.56 1.91 5.86
N LEU A 262 1.41 2.35 6.37
CA LEU A 262 1.38 3.60 7.12
C LEU A 262 2.19 3.40 8.40
N SER A 263 3.17 4.29 8.62
CA SER A 263 4.14 4.10 9.69
C SER A 263 4.28 5.38 10.51
N ALA A 264 4.73 5.22 11.76
CA ALA A 264 4.93 6.33 12.70
C ALA A 264 6.41 6.41 13.06
N GLY A 265 7.06 7.49 12.66
CA GLY A 265 8.48 7.69 12.92
C GLY A 265 8.71 8.74 14.00
N ILE A 266 9.82 8.61 14.71
CA ILE A 266 10.20 9.54 15.77
C ILE A 266 11.30 10.46 15.25
N ASN A 267 11.08 11.77 15.35
CA ASN A 267 12.07 12.75 14.92
C ASN A 267 13.39 12.53 15.64
N ALA A 268 14.49 12.52 14.87
CA ALA A 268 15.80 12.31 15.49
C ALA A 268 16.18 13.46 16.41
N ALA A 269 15.62 14.64 16.18
CA ALA A 269 15.89 15.81 17.02
C ALA A 269 14.96 15.92 18.21
N SER A 270 14.04 14.97 18.39
CA SER A 270 13.08 15.07 19.48
C SER A 270 13.76 14.82 20.82
N PRO A 271 13.57 15.70 21.81
CA PRO A 271 13.97 15.39 23.18
C PRO A 271 12.97 14.54 23.94
N ASN A 272 11.94 14.04 23.26
CA ASN A 272 10.82 13.33 23.88
C ASN A 272 10.71 11.91 23.32
N LYS A 273 11.85 11.29 23.01
CA LYS A 273 11.83 9.96 22.37
C LYS A 273 11.25 8.90 23.28
N GLU A 274 11.45 9.01 24.59
CA GLU A 274 10.87 8.03 25.51
C GLU A 274 9.36 8.21 25.64
N LEU A 275 8.89 9.46 25.66
CA LEU A 275 7.45 9.70 25.64
C LEU A 275 6.82 9.17 24.36
N ALA A 276 7.48 9.39 23.22
CA ALA A 276 6.93 8.92 21.94
C ALA A 276 6.84 7.40 21.91
N LYS A 277 7.86 6.72 22.43
CA LYS A 277 7.82 5.26 22.46
C LYS A 277 6.68 4.75 23.35
N GLU A 278 6.50 5.36 24.52
CA GLU A 278 5.40 4.97 25.39
C GLU A 278 4.06 5.17 24.72
N PHE A 279 3.87 6.32 24.06
CA PHE A 279 2.62 6.60 23.38
C PHE A 279 2.35 5.58 22.26
N LEU A 280 3.33 5.35 21.40
CA LEU A 280 3.10 4.52 20.23
C LEU A 280 2.92 3.05 20.60
N GLU A 281 3.76 2.53 21.52
CA GLU A 281 3.69 1.10 21.83
C GLU A 281 2.51 0.77 22.74
N ASN A 282 2.30 1.55 23.79
CA ASN A 282 1.38 1.13 24.85
C ASN A 282 0.07 1.90 24.87
N TYR A 283 -0.14 2.82 23.94
CA TYR A 283 -1.42 3.48 23.79
C TYR A 283 -1.99 3.33 22.39
N LEU A 284 -1.21 3.64 21.36
CA LEU A 284 -1.71 3.56 20.00
C LEU A 284 -1.77 2.13 19.50
N LEU A 285 -0.66 1.39 19.59
CA LEU A 285 -0.61 0.03 19.06
C LEU A 285 -1.17 -0.98 20.04
N THR A 286 -2.42 -0.71 20.45
CA THR A 286 -3.23 -1.62 21.24
C THR A 286 -4.57 -1.75 20.53
N ASP A 287 -5.35 -2.77 20.92
CA ASP A 287 -6.70 -2.89 20.37
C ASP A 287 -7.50 -1.62 20.60
N GLU A 288 -7.39 -1.03 21.79
CA GLU A 288 -8.21 0.13 22.12
C GLU A 288 -7.76 1.37 21.36
N GLY A 289 -6.45 1.51 21.16
CA GLY A 289 -5.94 2.67 20.44
C GLY A 289 -6.26 2.62 18.97
N LEU A 290 -6.02 1.48 18.33
CA LEU A 290 -6.35 1.33 16.91
C LEU A 290 -7.85 1.41 16.66
N GLU A 291 -8.66 0.94 17.63
N GLU A 291 -8.65 0.96 17.63
CA GLU A 291 -10.11 1.07 17.51
CA GLU A 291 -10.11 1.08 17.48
C GLU A 291 -10.53 2.53 17.50
C GLU A 291 -10.54 2.54 17.51
N ALA A 292 -9.91 3.35 18.35
CA ALA A 292 -10.27 4.77 18.42
C ALA A 292 -9.99 5.47 17.10
N VAL A 293 -8.87 5.13 16.45
CA VAL A 293 -8.56 5.74 15.16
C VAL A 293 -9.46 5.17 14.07
N ASN A 294 -9.70 3.86 14.10
CA ASN A 294 -10.49 3.21 13.06
C ASN A 294 -11.93 3.70 13.07
N LYS A 295 -12.51 3.91 14.25
CA LYS A 295 -13.88 4.40 14.32
C LYS A 295 -14.00 5.82 13.76
N ASP A 296 -12.92 6.60 13.85
CA ASP A 296 -12.91 7.92 13.21
C ASP A 296 -12.90 7.79 11.69
N LYS A 297 -11.83 7.18 11.15
CA LYS A 297 -11.73 6.88 9.73
C LYS A 297 -11.08 5.51 9.60
N PRO A 298 -11.61 4.63 8.75
CA PRO A 298 -11.09 3.26 8.69
C PRO A 298 -9.63 3.21 8.26
N LEU A 299 -8.85 2.38 8.97
CA LEU A 299 -7.45 2.19 8.66
C LEU A 299 -7.22 1.16 7.56
N GLY A 300 -8.21 0.32 7.28
CA GLY A 300 -8.01 -0.82 6.40
C GLY A 300 -7.56 -2.03 7.20
N ALA A 301 -6.55 -2.73 6.69
CA ALA A 301 -5.87 -3.74 7.48
C ALA A 301 -4.81 -3.08 8.37
N VAL A 302 -4.47 -3.75 9.47
CA VAL A 302 -3.52 -3.21 10.44
C VAL A 302 -2.42 -4.21 10.71
N ALA A 303 -1.28 -3.69 11.19
CA ALA A 303 -0.12 -4.51 11.47
C ALA A 303 -0.21 -5.24 12.81
N LEU A 304 -1.04 -4.75 13.74
CA LEU A 304 -1.20 -5.38 15.05
C LEU A 304 -2.06 -6.62 14.91
N LYS A 305 -1.46 -7.79 15.19
CA LYS A 305 -2.15 -9.07 14.96
C LYS A 305 -3.48 -9.14 15.68
N SER A 306 -3.51 -8.76 16.96
CA SER A 306 -4.70 -8.94 17.77
C SER A 306 -5.89 -8.17 17.21
N TYR A 307 -5.66 -6.95 16.74
CA TYR A 307 -6.77 -6.17 16.21
C TYR A 307 -7.09 -6.52 14.77
N GLU A 308 -6.09 -6.91 13.97
CA GLU A 308 -6.36 -7.38 12.60
C GLU A 308 -7.29 -8.59 12.61
N GLU A 309 -7.13 -9.47 13.60
CA GLU A 309 -7.99 -10.65 13.71
C GLU A 309 -9.44 -10.25 13.92
N GLU A 310 -9.70 -9.14 14.59
CA GLU A 310 -11.07 -8.64 14.73
C GLU A 310 -11.53 -7.90 13.48
N LEU A 311 -10.64 -7.11 12.87
CA LEU A 311 -11.00 -6.35 11.68
C LEU A 311 -11.31 -7.26 10.51
N ALA A 312 -10.66 -8.43 10.43
CA ALA A 312 -10.83 -9.35 9.32
C ALA A 312 -12.19 -10.03 9.31
N LYS A 313 -13.05 -9.77 10.29
CA LYS A 313 -14.45 -10.15 10.15
C LYS A 313 -15.10 -9.46 8.94
N ASP A 314 -14.55 -8.34 8.52
CA ASP A 314 -14.94 -7.70 7.27
C ASP A 314 -14.19 -8.40 6.14
N PRO A 315 -14.89 -9.06 5.21
CA PRO A 315 -14.16 -9.78 4.14
C PRO A 315 -13.30 -8.87 3.29
N ARG A 316 -13.65 -7.59 3.19
CA ARG A 316 -12.84 -6.67 2.40
C ARG A 316 -11.46 -6.48 3.05
N ILE A 317 -11.44 -6.40 4.38
CA ILE A 317 -10.17 -6.26 5.09
C ILE A 317 -9.39 -7.57 5.08
N ALA A 318 -10.08 -8.69 5.25
CA ALA A 318 -9.40 -9.98 5.16
C ALA A 318 -8.75 -10.17 3.79
N ALA A 319 -9.44 -9.73 2.73
CA ALA A 319 -8.87 -9.85 1.39
C ALA A 319 -7.68 -8.92 1.22
N THR A 320 -7.75 -7.73 1.81
CA THR A 320 -6.62 -6.80 1.75
C THR A 320 -5.37 -7.43 2.36
N MET A 321 -5.49 -8.03 3.55
CA MET A 321 -4.32 -8.60 4.18
C MET A 321 -3.85 -9.85 3.44
N GLU A 322 -4.78 -10.62 2.88
CA GLU A 322 -4.40 -11.82 2.13
C GLU A 322 -3.58 -11.45 0.91
N ASN A 323 -4.01 -10.42 0.17
CA ASN A 323 -3.22 -9.95 -0.96
C ASN A 323 -1.91 -9.32 -0.52
N ALA A 324 -1.90 -8.69 0.66
CA ALA A 324 -0.66 -8.08 1.15
C ALA A 324 0.40 -9.13 1.47
N GLN A 325 -0.01 -10.22 2.11
CA GLN A 325 0.95 -11.27 2.43
C GLN A 325 1.38 -12.05 1.20
N LYS A 326 0.57 -12.05 0.15
CA LYS A 326 0.98 -12.67 -1.10
C LYS A 326 1.83 -11.74 -1.96
N GLY A 327 1.91 -10.46 -1.62
CA GLY A 327 2.67 -9.50 -2.38
C GLY A 327 4.04 -9.26 -1.78
N GLU A 328 4.60 -8.08 -2.09
CA GLU A 328 5.92 -7.70 -1.60
C GLU A 328 5.88 -6.28 -1.05
N ILE A 329 6.70 -6.04 -0.02
CA ILE A 329 6.86 -4.70 0.51
C ILE A 329 7.44 -3.79 -0.57
N MET A 330 6.84 -2.61 -0.73
CA MET A 330 7.42 -1.59 -1.59
C MET A 330 8.81 -1.21 -1.11
N PRO A 331 9.83 -1.28 -1.95
CA PRO A 331 11.18 -0.87 -1.53
C PRO A 331 11.25 0.60 -1.17
N ASN A 332 11.99 0.90 -0.11
CA ASN A 332 12.14 2.27 0.38
C ASN A 332 13.47 2.90 -0.04
N ILE A 333 14.20 2.26 -0.95
CA ILE A 333 15.52 2.73 -1.35
C ILE A 333 15.36 3.80 -2.43
N PRO A 334 16.34 4.69 -2.63
CA PRO A 334 16.11 5.80 -3.58
C PRO A 334 16.02 5.35 -5.02
N GLN A 335 16.68 4.25 -5.39
CA GLN A 335 16.61 3.74 -6.76
C GLN A 335 15.20 3.31 -7.15
N MET A 336 14.30 3.15 -6.18
CA MET A 336 12.94 2.72 -6.48
C MET A 336 12.23 3.71 -7.40
N SER A 337 12.56 4.99 -7.29
CA SER A 337 11.92 6.00 -8.13
C SER A 337 12.24 5.79 -9.59
N ALA A 338 13.51 5.52 -9.91
CA ALA A 338 13.89 5.26 -11.30
C ALA A 338 13.23 4.00 -11.83
N PHE A 339 12.97 3.03 -10.95
CA PHE A 339 12.22 1.84 -11.34
C PHE A 339 10.83 2.19 -11.83
N TRP A 340 10.08 2.96 -11.04
CA TRP A 340 8.67 3.20 -11.33
C TRP A 340 8.48 3.90 -12.67
N TYR A 341 9.25 4.96 -12.92
CA TYR A 341 9.15 5.66 -14.20
C TYR A 341 9.51 4.75 -15.37
N ALA A 342 10.51 3.89 -15.18
CA ALA A 342 10.91 2.99 -16.25
C ALA A 342 9.80 1.99 -16.56
N VAL A 343 9.24 1.36 -15.52
CA VAL A 343 8.14 0.42 -15.72
C VAL A 343 6.89 1.12 -16.21
N ARG A 344 6.67 2.37 -15.76
N ARG A 344 6.67 2.37 -15.76
CA ARG A 344 5.53 3.15 -16.23
CA ARG A 344 5.51 3.12 -16.25
C ARG A 344 5.57 3.34 -17.74
C ARG A 344 5.58 3.30 -17.76
N THR A 345 6.75 3.67 -18.27
CA THR A 345 6.90 3.85 -19.71
C THR A 345 6.80 2.52 -20.44
N ALA A 346 7.39 1.46 -19.89
CA ALA A 346 7.38 0.16 -20.56
C ALA A 346 5.94 -0.36 -20.71
N VAL A 347 5.16 -0.32 -19.63
CA VAL A 347 3.79 -0.81 -19.71
C VAL A 347 2.97 0.02 -20.69
N ILE A 348 3.18 1.33 -20.70
CA ILE A 348 2.42 2.21 -21.58
C ILE A 348 2.81 1.94 -23.04
N ASN A 349 4.10 1.71 -23.30
CA ASN A 349 4.56 1.49 -24.67
C ASN A 349 4.12 0.13 -25.19
N ALA A 350 4.13 -0.90 -24.34
CA ALA A 350 3.71 -2.23 -24.78
C ALA A 350 2.21 -2.30 -24.98
N ALA A 351 1.44 -1.58 -24.15
CA ALA A 351 -0.01 -1.61 -24.28
C ALA A 351 -0.47 -0.94 -25.57
N SER A 352 0.15 0.20 -25.92
CA SER A 352 -0.24 0.93 -27.12
C SER A 352 0.31 0.32 -28.39
N GLY A 353 1.35 -0.49 -28.29
CA GLY A 353 2.03 -1.03 -29.46
C GLY A 353 3.21 -0.22 -29.93
N ARG A 354 3.57 0.87 -29.23
CA ARG A 354 4.78 1.61 -29.58
C ARG A 354 6.01 0.73 -29.50
N GLN A 355 6.01 -0.25 -28.57
CA GLN A 355 7.09 -1.22 -28.47
C GLN A 355 6.49 -2.60 -28.25
N THR A 356 7.24 -3.62 -28.64
CA THR A 356 6.90 -4.98 -28.25
C THR A 356 7.19 -5.16 -26.76
N VAL A 357 6.69 -6.26 -26.20
CA VAL A 357 6.90 -6.50 -24.77
C VAL A 357 8.38 -6.65 -24.47
N ASP A 358 9.11 -7.40 -25.30
CA ASP A 358 10.52 -7.62 -25.07
C ASP A 358 11.31 -6.31 -25.12
N GLU A 359 11.05 -5.50 -26.15
CA GLU A 359 11.79 -4.24 -26.31
C GLU A 359 11.46 -3.27 -25.19
N ALA A 360 10.19 -3.22 -24.77
CA ALA A 360 9.79 -2.31 -23.70
C ALA A 360 10.44 -2.69 -22.38
N LEU A 361 10.48 -3.98 -22.07
CA LEU A 361 11.03 -4.40 -20.79
C LEU A 361 12.55 -4.30 -20.79
N LYS A 362 13.20 -4.52 -21.93
CA LYS A 362 14.65 -4.35 -22.00
C LYS A 362 15.04 -2.91 -21.73
N ASP A 363 14.32 -1.96 -22.35
CA ASP A 363 14.60 -0.55 -22.11
C ASP A 363 14.35 -0.18 -20.66
N ALA A 364 13.48 -0.92 -19.97
CA ALA A 364 13.21 -0.68 -18.55
C ALA A 364 14.33 -1.20 -17.66
N GLN A 365 15.11 -2.18 -18.12
CA GLN A 365 16.21 -2.70 -17.31
C GLN A 365 17.28 -1.65 -17.07
N THR A 366 17.47 -0.72 -18.00
CA THR A 366 18.49 0.31 -17.83
C THR A 366 17.85 1.68 -17.70
ZN ZN B . -4.47 4.69 3.93
C ACT C . -0.36 8.94 3.75
O ACT C . -0.66 9.34 4.91
OXT ACT C . 0.62 8.25 3.38
CH3 ACT C . -1.35 9.40 2.62
#